data_7VMZ
#
_entry.id   7VMZ
#
_cell.length_a   148.215
_cell.length_b   148.215
_cell.length_c   53.387
_cell.angle_alpha   90.000
_cell.angle_beta   90.000
_cell.angle_gamma   120.000
#
_symmetry.space_group_name_H-M   'P 62'
#
loop_
_entity.id
_entity.type
_entity.pdbx_description
1 polymer 'C04 Fab Light Chain'
2 polymer 'C04 Fab Heavy Chain'
#
loop_
_entity_poly.entity_id
_entity_poly.type
_entity_poly.pdbx_seq_one_letter_code
_entity_poly.pdbx_strand_id
1 'polypeptide(L)'
;DIQMTQSPSSLSASVGDRVTITCRASQSVSSAVAWYQQKPGKAPKLLIYSASSLYSGVPSRFSGSRSGTDFTLTISSLQP
EDFATYYCQQGYGWLITFGQGTKVEIKRTVAAPSVFIFPPSDSQLKSGTASVVCLLNNFYPREAKVQWKVDNALQSGNSQ
ESVTEQDSKDSTYSLSSTLTLSKADYEKHKVYACEVTHQGLSSPVTKSFNRGECG
;
L
2 'polypeptide(L)'
;EVQLVESGGGLVQPGGSLRLSCAASGFNISSSYIHWVRQAPGKGLEWVASIYSSYGYTYYADSVKGRFTISADTSKNTAY
LQMNSLRAEDTAVYYCARWWASVGGAGGGLDYWGQGTLVTVSSASTKGPSVFPLAPSSKSTSGGTAALGCLVKDYFPEPV
TVSWNSGALTSGVHTFPAVLQSSGLYSLSSVVTVPSSSLGTQTYICNVNHKPSNTKVDKKVEPKSCDKTHT
;
H
#
# COMPACT_ATOMS: atom_id res chain seq x y z
N ILE A 2 21.81 -3.61 -19.25
CA ILE A 2 21.58 -4.76 -18.38
C ILE A 2 20.17 -4.72 -17.77
N GLN A 3 19.40 -5.76 -18.02
CA GLN A 3 18.03 -5.88 -17.53
C GLN A 3 17.89 -7.18 -16.74
N MET A 4 16.84 -7.26 -15.94
CA MET A 4 16.59 -8.43 -15.09
C MET A 4 15.19 -8.95 -15.34
N THR A 5 15.09 -10.17 -15.85
CA THR A 5 13.81 -10.83 -16.07
C THR A 5 13.49 -11.70 -14.85
N GLN A 6 12.40 -11.40 -14.18
CA GLN A 6 12.02 -12.05 -12.93
C GLN A 6 10.89 -13.03 -13.17
N SER A 7 11.09 -14.27 -12.76
CA SER A 7 10.07 -15.31 -12.83
C SER A 7 10.02 -16.04 -11.50
N PRO A 8 8.81 -16.37 -11.01
CA PRO A 8 7.52 -16.18 -11.68
C PRO A 8 6.93 -14.78 -11.50
N SER A 9 5.87 -14.49 -12.26
CA SER A 9 5.16 -13.24 -12.05
C SER A 9 4.54 -13.22 -10.66
N SER A 10 3.90 -14.31 -10.26
CA SER A 10 3.31 -14.43 -8.94
C SER A 10 3.29 -15.91 -8.55
N LEU A 11 3.11 -16.17 -7.27
CA LEU A 11 3.05 -17.56 -6.86
C LEU A 11 2.21 -17.70 -5.61
N SER A 12 1.71 -18.93 -5.41
CA SER A 12 0.83 -19.26 -4.30
C SER A 12 1.39 -20.49 -3.61
N ALA A 13 1.56 -20.43 -2.29
CA ALA A 13 2.27 -21.49 -1.59
C ALA A 13 1.80 -21.54 -0.14
N SER A 14 1.82 -22.75 0.41
CA SER A 14 1.38 -23.01 1.77
C SER A 14 2.47 -22.67 2.77
N VAL A 15 2.06 -22.54 4.04
CA VAL A 15 3.02 -22.35 5.11
C VAL A 15 3.89 -23.59 5.26
N GLY A 16 5.20 -23.41 5.17
CA GLY A 16 6.16 -24.49 5.26
C GLY A 16 6.75 -24.92 3.94
N ASP A 17 6.22 -24.45 2.81
CA ASP A 17 6.70 -24.86 1.51
C ASP A 17 8.06 -24.24 1.22
N ARG A 18 8.68 -24.70 0.14
CA ARG A 18 9.94 -24.17 -0.36
C ARG A 18 9.66 -23.35 -1.62
N VAL A 19 9.90 -22.05 -1.55
CA VAL A 19 9.59 -21.12 -2.62
C VAL A 19 10.89 -20.61 -3.22
N THR A 20 10.95 -20.51 -4.55
CA THR A 20 12.14 -20.04 -5.25
C THR A 20 11.76 -19.01 -6.30
N ILE A 21 12.51 -17.91 -6.33
CA ILE A 21 12.30 -16.79 -7.25
C ILE A 21 13.59 -16.59 -8.04
N THR A 22 13.48 -16.45 -9.36
CA THR A 22 14.65 -16.45 -10.23
C THR A 22 14.70 -15.17 -11.05
N CYS A 23 15.89 -14.59 -11.16
CA CYS A 23 16.13 -13.45 -12.03
C CYS A 23 17.23 -13.85 -13.01
N ARG A 24 16.94 -13.60 -14.29
CA ARG A 24 17.94 -13.84 -15.36
C ARG A 24 18.41 -12.49 -15.87
N ALA A 25 19.66 -12.40 -16.27
CA ALA A 25 20.22 -11.11 -16.70
C ALA A 25 20.33 -11.09 -18.22
N SER A 26 19.93 -9.99 -18.83
CA SER A 26 19.94 -9.91 -20.31
C SER A 26 21.38 -10.07 -20.75
N GLN A 27 22.28 -9.46 -20.00
CA GLN A 27 23.71 -9.59 -20.31
C GLN A 27 24.35 -10.25 -19.10
N SER A 28 25.51 -10.84 -19.29
CA SER A 28 26.22 -11.49 -18.16
C SER A 28 26.42 -10.44 -17.08
N VAL A 29 26.23 -10.82 -15.83
CA VAL A 29 26.49 -9.89 -14.72
C VAL A 29 27.35 -10.64 -13.71
N SER A 30 28.07 -9.92 -12.88
CA SER A 30 28.83 -10.61 -11.82
C SER A 30 27.86 -10.86 -10.67
N SER A 31 28.38 -11.41 -9.58
CA SER A 31 27.55 -11.69 -8.39
C SER A 31 27.34 -10.37 -7.65
N ALA A 32 26.62 -9.44 -8.29
CA ALA A 32 26.30 -8.14 -7.68
C ALA A 32 24.78 -8.03 -7.69
N VAL A 33 24.13 -9.16 -7.42
CA VAL A 33 22.66 -9.17 -7.33
C VAL A 33 22.26 -8.98 -5.87
N ALA A 34 21.16 -8.26 -5.62
CA ALA A 34 20.63 -8.09 -4.26
C ALA A 34 19.16 -8.44 -4.26
N TRP A 35 18.66 -8.92 -3.13
CA TRP A 35 17.26 -9.31 -3.00
C TRP A 35 16.57 -8.45 -1.95
N TYR A 36 15.43 -7.88 -2.29
CA TYR A 36 14.65 -7.03 -1.40
C TYR A 36 13.24 -7.61 -1.23
N GLN A 37 12.68 -7.40 -0.04
CA GLN A 37 11.30 -7.74 0.26
C GLN A 37 10.52 -6.46 0.52
N GLN A 38 9.34 -6.33 -0.09
CA GLN A 38 8.50 -5.16 0.11
C GLN A 38 7.11 -5.63 0.52
N LYS A 39 6.72 -5.28 1.74
CA LYS A 39 5.34 -5.45 2.18
C LYS A 39 4.52 -4.25 1.72
N PRO A 40 3.21 -4.42 1.52
CA PRO A 40 2.42 -3.37 0.87
C PRO A 40 2.46 -2.05 1.64
N GLY A 41 2.69 -0.97 0.91
CA GLY A 41 2.68 0.36 1.49
C GLY A 41 3.87 0.71 2.33
N LYS A 42 4.98 -0.02 2.19
CA LYS A 42 6.18 0.23 2.98
C LYS A 42 7.40 0.17 2.08
N ALA A 43 8.53 0.65 2.60
CA ALA A 43 9.76 0.66 1.84
C ALA A 43 10.33 -0.76 1.74
N PRO A 44 11.03 -1.07 0.64
CA PRO A 44 11.64 -2.40 0.51
C PRO A 44 12.72 -2.61 1.56
N LYS A 45 12.88 -3.87 1.97
CA LYS A 45 13.86 -4.26 2.97
C LYS A 45 14.90 -5.16 2.32
N LEU A 46 16.18 -4.83 2.55
CA LEU A 46 17.27 -5.61 1.96
C LEU A 46 17.36 -6.98 2.63
N LEU A 47 17.11 -8.04 1.85
CA LEU A 47 17.25 -9.39 2.37
C LEU A 47 18.65 -9.95 2.13
N ILE A 48 19.13 -9.89 0.88
CA ILE A 48 20.37 -10.56 0.51
C ILE A 48 21.19 -9.65 -0.38
N TYR A 49 22.51 -9.67 -0.20
CA TYR A 49 23.42 -8.87 -1.02
C TYR A 49 24.48 -9.77 -1.62
N SER A 50 25.02 -9.33 -2.77
CA SER A 50 26.04 -10.08 -3.51
C SER A 50 25.60 -11.53 -3.74
N ALA A 51 24.35 -11.69 -4.15
CA ALA A 51 23.77 -12.96 -4.58
C ALA A 51 23.52 -13.94 -3.44
N SER A 52 24.53 -14.19 -2.59
CA SER A 52 24.47 -15.31 -1.65
C SER A 52 24.54 -14.93 -0.18
N SER A 53 24.80 -13.67 0.14
CA SER A 53 25.06 -13.27 1.53
C SER A 53 23.81 -12.69 2.17
N LEU A 54 23.50 -13.18 3.37
CA LEU A 54 22.35 -12.69 4.13
C LEU A 54 22.69 -11.39 4.83
N TYR A 55 21.82 -10.39 4.69
CA TYR A 55 21.92 -9.21 5.52
C TYR A 55 21.56 -9.56 6.96
N SER A 56 22.15 -8.83 7.90
CA SER A 56 21.92 -9.13 9.31
C SER A 56 20.48 -8.80 9.70
N GLY A 57 19.93 -9.63 10.60
CA GLY A 57 18.53 -9.55 10.95
C GLY A 57 17.60 -10.32 10.05
N VAL A 58 18.06 -10.74 8.88
CA VAL A 58 17.23 -11.54 7.97
C VAL A 58 17.24 -12.99 8.43
N PRO A 59 16.08 -13.63 8.54
CA PRO A 59 16.04 -15.02 9.01
C PRO A 59 16.79 -15.97 8.07
N SER A 60 17.17 -17.12 8.62
CA SER A 60 17.94 -18.11 7.87
C SER A 60 17.10 -18.81 6.81
N ARG A 61 15.78 -18.68 6.85
CA ARG A 61 14.94 -19.31 5.83
C ARG A 61 15.12 -18.68 4.45
N PHE A 62 15.75 -17.51 4.37
CA PHE A 62 16.07 -16.87 3.10
C PHE A 62 17.49 -17.21 2.70
N SER A 63 17.67 -17.63 1.45
CA SER A 63 19.00 -17.96 0.94
C SER A 63 19.10 -17.52 -0.51
N GLY A 64 20.32 -17.26 -0.96
CA GLY A 64 20.55 -16.83 -2.32
C GLY A 64 21.62 -17.65 -2.99
N SER A 65 21.43 -17.91 -4.29
CA SER A 65 22.35 -18.74 -5.05
C SER A 65 22.49 -18.17 -6.46
N ARG A 66 23.64 -18.45 -7.07
CA ARG A 66 23.89 -18.07 -8.46
C ARG A 66 24.19 -19.32 -9.27
N SER A 67 23.56 -19.44 -10.43
CA SER A 67 23.80 -20.49 -11.42
C SER A 67 24.08 -19.77 -12.74
N GLY A 68 25.35 -19.41 -12.95
CA GLY A 68 25.74 -18.68 -14.14
C GLY A 68 25.03 -17.35 -14.29
N THR A 69 24.11 -17.28 -15.26
CA THR A 69 23.35 -16.07 -15.53
C THR A 69 22.05 -16.00 -14.75
N ASP A 70 21.70 -17.03 -13.99
CA ASP A 70 20.48 -17.06 -13.21
C ASP A 70 20.80 -16.86 -11.73
N PHE A 71 19.93 -16.14 -11.03
CA PHE A 71 20.07 -15.90 -9.60
C PHE A 71 18.77 -16.30 -8.92
N THR A 72 18.89 -17.01 -7.80
CA THR A 72 17.72 -17.59 -7.15
C THR A 72 17.67 -17.20 -5.68
N LEU A 73 16.51 -16.70 -5.26
CA LEU A 73 16.23 -16.49 -3.84
C LEU A 73 15.25 -17.57 -3.38
N THR A 74 15.53 -18.18 -2.24
CA THR A 74 14.77 -19.33 -1.76
C THR A 74 14.32 -19.11 -0.33
N ILE A 75 13.04 -19.34 -0.09
CA ILE A 75 12.45 -19.40 1.25
C ILE A 75 12.21 -20.86 1.57
N SER A 76 12.91 -21.37 2.59
CA SER A 76 12.90 -22.80 2.88
C SER A 76 11.56 -23.25 3.43
N SER A 77 11.01 -22.49 4.37
CA SER A 77 9.72 -22.80 5.00
C SER A 77 8.92 -21.50 5.04
N LEU A 78 7.95 -21.38 4.12
CA LEU A 78 7.21 -20.13 3.99
C LEU A 78 6.39 -19.86 5.25
N GLN A 79 6.48 -18.64 5.75
CA GLN A 79 5.73 -18.18 6.92
C GLN A 79 4.65 -17.20 6.50
N PRO A 80 3.59 -17.05 7.31
CA PRO A 80 2.52 -16.11 6.92
C PRO A 80 2.98 -14.67 6.79
N GLU A 81 4.01 -14.26 7.53
CA GLU A 81 4.52 -12.90 7.44
C GLU A 81 5.38 -12.67 6.20
N ASP A 82 5.74 -13.73 5.48
CA ASP A 82 6.57 -13.59 4.29
C ASP A 82 5.79 -13.16 3.05
N PHE A 83 4.48 -12.95 3.17
CA PHE A 83 3.69 -12.43 2.06
C PHE A 83 4.22 -11.06 1.65
N ALA A 84 4.64 -10.91 0.40
CA ALA A 84 5.26 -9.66 -0.01
C ALA A 84 5.58 -9.72 -1.50
N THR A 85 6.04 -8.60 -2.03
CA THR A 85 6.60 -8.55 -3.38
C THR A 85 8.11 -8.51 -3.25
N TYR A 86 8.78 -9.47 -3.88
CA TYR A 86 10.23 -9.58 -3.80
C TYR A 86 10.85 -9.09 -5.10
N TYR A 87 11.89 -8.28 -4.96
CA TYR A 87 12.57 -7.65 -6.10
C TYR A 87 14.04 -8.04 -6.10
N CYS A 88 14.60 -8.14 -7.30
CA CYS A 88 16.04 -8.38 -7.46
C CYS A 88 16.66 -7.14 -8.09
N GLN A 89 17.89 -6.83 -7.70
CA GLN A 89 18.58 -5.62 -8.13
C GLN A 89 19.98 -5.99 -8.59
N GLN A 90 20.36 -5.51 -9.78
CA GLN A 90 21.72 -5.63 -10.29
C GLN A 90 22.34 -4.24 -10.31
N GLY A 91 23.51 -4.11 -9.71
CA GLY A 91 24.19 -2.83 -9.67
C GLY A 91 25.20 -2.78 -8.54
N TYR A 92 25.93 -1.65 -8.51
CA TYR A 92 27.03 -1.46 -7.58
C TYR A 92 26.94 -0.17 -6.77
N GLY A 93 25.92 0.65 -6.98
CA GLY A 93 25.75 1.89 -6.23
C GLY A 93 25.76 3.15 -7.07
N TRP A 94 26.27 3.08 -8.30
CA TRP A 94 26.18 4.20 -9.24
C TRP A 94 25.17 3.96 -10.34
N LEU A 95 24.76 2.71 -10.57
CA LEU A 95 23.58 2.41 -11.35
C LEU A 95 23.06 1.05 -10.91
N ILE A 96 21.79 0.98 -10.57
CA ILE A 96 21.13 -0.28 -10.27
C ILE A 96 19.87 -0.38 -11.11
N THR A 97 19.57 -1.58 -11.58
CA THR A 97 18.31 -1.88 -12.26
C THR A 97 17.57 -2.95 -11.47
N PHE A 98 16.26 -2.81 -11.40
CA PHE A 98 15.42 -3.70 -10.61
C PHE A 98 14.66 -4.66 -11.52
N GLY A 99 14.31 -5.82 -10.96
CA GLY A 99 13.40 -6.71 -11.64
C GLY A 99 11.96 -6.22 -11.51
N GLN A 100 11.08 -6.85 -12.29
CA GLN A 100 9.68 -6.45 -12.25
C GLN A 100 9.00 -6.85 -10.94
N GLY A 101 9.51 -7.87 -10.26
CA GLY A 101 9.00 -8.23 -8.96
C GLY A 101 8.12 -9.45 -8.99
N THR A 102 8.17 -10.23 -7.91
CA THR A 102 7.37 -11.44 -7.76
C THR A 102 6.49 -11.30 -6.53
N LYS A 103 5.17 -11.34 -6.73
CA LYS A 103 4.23 -11.24 -5.62
C LYS A 103 4.00 -12.63 -5.04
N VAL A 104 4.26 -12.78 -3.75
CA VAL A 104 4.17 -14.06 -3.06
C VAL A 104 3.08 -13.95 -2.00
N GLU A 105 2.04 -14.76 -2.16
CA GLU A 105 0.92 -14.86 -1.25
C GLU A 105 0.82 -16.28 -0.70
N ILE A 106 0.17 -16.42 0.46
CA ILE A 106 0.10 -17.69 1.16
C ILE A 106 -1.15 -18.45 0.77
N LYS A 107 -1.06 -19.77 0.77
CA LYS A 107 -2.21 -20.66 0.67
C LYS A 107 -2.59 -21.14 2.08
N ARG A 108 -3.88 -21.09 2.39
CA ARG A 108 -4.36 -21.51 3.69
C ARG A 108 -5.73 -22.15 3.54
N THR A 109 -6.26 -22.65 4.64
CA THR A 109 -7.58 -23.27 4.64
C THR A 109 -8.64 -22.21 4.34
N VAL A 110 -9.78 -22.69 3.84
CA VAL A 110 -10.87 -21.80 3.46
C VAL A 110 -11.49 -21.19 4.72
N ALA A 111 -11.67 -19.87 4.70
CA ALA A 111 -12.30 -19.14 5.79
C ALA A 111 -13.53 -18.41 5.27
N ALA A 112 -14.60 -18.44 6.05
CA ALA A 112 -15.80 -17.75 5.58
C ALA A 112 -15.79 -16.29 6.04
N PRO A 113 -16.26 -15.37 5.20
CA PRO A 113 -16.24 -13.96 5.57
C PRO A 113 -17.28 -13.64 6.63
N SER A 114 -16.91 -12.76 7.55
CA SER A 114 -17.91 -12.07 8.35
C SER A 114 -18.47 -10.94 7.51
N VAL A 115 -19.78 -10.77 7.51
CA VAL A 115 -20.43 -9.81 6.63
C VAL A 115 -21.19 -8.80 7.49
N PHE A 116 -20.95 -7.52 7.22
CA PHE A 116 -21.57 -6.43 7.95
C PHE A 116 -22.09 -5.40 6.94
N ILE A 117 -23.11 -4.65 7.34
CA ILE A 117 -23.69 -3.63 6.47
C ILE A 117 -23.82 -2.33 7.25
N PHE A 118 -23.45 -1.22 6.60
CA PHE A 118 -23.48 0.11 7.19
C PHE A 118 -24.38 1.00 6.33
N PRO A 119 -25.47 1.51 6.90
CA PRO A 119 -26.30 2.48 6.19
C PRO A 119 -25.59 3.82 6.10
N PRO A 120 -26.02 4.69 5.19
CA PRO A 120 -25.42 6.04 5.12
C PRO A 120 -25.70 6.81 6.40
N SER A 121 -24.74 7.65 6.77
CA SER A 121 -24.93 8.54 7.90
C SER A 121 -25.85 9.69 7.53
N ASP A 122 -26.59 10.18 8.52
CA ASP A 122 -27.41 11.36 8.31
C ASP A 122 -26.55 12.54 7.86
N SER A 123 -25.35 12.67 8.44
CA SER A 123 -24.43 13.73 8.06
C SER A 123 -24.11 13.69 6.58
N GLN A 124 -24.09 12.49 5.98
CA GLN A 124 -23.81 12.37 4.56
C GLN A 124 -25.07 12.65 3.72
N LEU A 125 -26.23 12.23 4.22
CA LEU A 125 -27.48 12.52 3.51
C LEU A 125 -27.71 14.03 3.41
N LYS A 126 -27.37 14.78 4.45
CA LYS A 126 -27.46 16.23 4.38
C LYS A 126 -26.51 16.82 3.36
N SER A 127 -25.46 16.09 2.98
CA SER A 127 -24.58 16.52 1.91
C SER A 127 -25.13 16.24 0.52
N GLY A 128 -26.24 15.50 0.41
CA GLY A 128 -26.85 15.23 -0.87
C GLY A 128 -26.38 13.97 -1.57
N THR A 129 -25.71 13.06 -0.86
CA THR A 129 -25.23 11.81 -1.43
C THR A 129 -25.50 10.69 -0.46
N ALA A 130 -25.42 9.44 -0.92
CA ALA A 130 -25.64 8.30 -0.04
C ALA A 130 -24.66 7.18 -0.37
N SER A 131 -23.99 6.67 0.67
CA SER A 131 -23.03 5.57 0.53
C SER A 131 -23.37 4.48 1.53
N VAL A 132 -23.77 3.32 1.01
CA VAL A 132 -24.06 2.13 1.80
C VAL A 132 -22.90 1.17 1.64
N VAL A 133 -22.35 0.69 2.75
CA VAL A 133 -21.09 -0.05 2.72
C VAL A 133 -21.31 -1.46 3.24
N CYS A 134 -20.86 -2.45 2.47
CA CYS A 134 -20.88 -3.85 2.87
C CYS A 134 -19.44 -4.31 3.11
N LEU A 135 -19.20 -4.93 4.27
CA LEU A 135 -17.87 -5.32 4.69
C LEU A 135 -17.78 -6.84 4.83
N LEU A 136 -16.73 -7.41 4.25
CA LEU A 136 -16.39 -8.82 4.37
C LEU A 136 -15.06 -8.92 5.12
N ASN A 137 -15.04 -9.76 6.16
CA ASN A 137 -13.96 -9.76 7.15
C ASN A 137 -13.33 -11.14 7.22
N ASN A 138 -12.01 -11.17 7.02
CA ASN A 138 -11.17 -12.36 7.15
C ASN A 138 -11.77 -13.58 6.45
N PHE A 139 -11.91 -13.43 5.14
CA PHE A 139 -12.26 -14.54 4.26
C PHE A 139 -11.05 -14.94 3.43
N TYR A 140 -10.94 -16.25 3.19
CA TYR A 140 -10.00 -16.79 2.24
C TYR A 140 -10.72 -17.93 1.52
N PRO A 141 -10.56 -18.05 0.19
CA PRO A 141 -9.71 -17.25 -0.70
C PRO A 141 -10.26 -15.85 -1.01
N ARG A 142 -9.47 -15.05 -1.74
CA ARG A 142 -9.85 -13.68 -2.04
C ARG A 142 -11.05 -13.59 -2.98
N GLU A 143 -11.32 -14.64 -3.76
CA GLU A 143 -12.41 -14.61 -4.72
C GLU A 143 -13.75 -14.64 -4.00
N ALA A 144 -14.60 -13.65 -4.26
CA ALA A 144 -15.92 -13.57 -3.65
C ALA A 144 -16.77 -12.62 -4.48
N LYS A 145 -18.09 -12.78 -4.37
CA LYS A 145 -19.02 -11.91 -5.07
C LYS A 145 -19.97 -11.26 -4.08
N VAL A 146 -20.10 -9.93 -4.16
CA VAL A 146 -21.03 -9.17 -3.34
C VAL A 146 -22.03 -8.52 -4.27
N GLN A 147 -23.31 -8.82 -4.09
CA GLN A 147 -24.37 -8.32 -4.95
C GLN A 147 -25.29 -7.42 -4.13
N TRP A 148 -25.59 -6.24 -4.67
CA TRP A 148 -26.40 -5.25 -3.99
C TRP A 148 -27.86 -5.38 -4.44
N LYS A 149 -28.76 -5.44 -3.47
CA LYS A 149 -30.20 -5.55 -3.73
C LYS A 149 -30.91 -4.40 -3.03
N VAL A 150 -31.51 -3.51 -3.83
CA VAL A 150 -32.31 -2.40 -3.34
C VAL A 150 -33.77 -2.71 -3.67
N ASP A 151 -34.59 -2.88 -2.63
CA ASP A 151 -35.98 -3.33 -2.80
C ASP A 151 -36.03 -4.68 -3.51
N ASN A 152 -35.09 -5.57 -3.16
CA ASN A 152 -34.98 -6.90 -3.75
C ASN A 152 -34.76 -6.85 -5.26
N ALA A 153 -34.15 -5.76 -5.73
CA ALA A 153 -33.82 -5.59 -7.15
C ALA A 153 -32.31 -5.51 -7.29
N LEU A 154 -31.76 -6.39 -8.11
CA LEU A 154 -30.31 -6.48 -8.26
C LEU A 154 -29.79 -5.30 -9.07
N GLN A 155 -28.86 -4.54 -8.50
CA GLN A 155 -28.31 -3.36 -9.14
C GLN A 155 -27.02 -3.71 -9.89
N SER A 156 -26.52 -2.73 -10.64
CA SER A 156 -25.28 -2.90 -11.40
C SER A 156 -24.75 -1.53 -11.80
N GLY A 157 -23.43 -1.39 -11.77
CA GLY A 157 -22.78 -0.19 -12.27
C GLY A 157 -22.72 0.98 -11.31
N ASN A 158 -23.27 0.84 -10.11
CA ASN A 158 -23.33 1.93 -9.14
C ASN A 158 -22.67 1.56 -7.83
N SER A 159 -21.71 0.64 -7.87
CA SER A 159 -21.01 0.20 -6.66
C SER A 159 -19.58 -0.17 -7.00
N GLN A 160 -18.67 0.18 -6.11
CA GLN A 160 -17.24 -0.08 -6.27
C GLN A 160 -16.70 -0.77 -5.03
N GLU A 161 -15.84 -1.76 -5.23
CA GLU A 161 -15.27 -2.50 -4.12
C GLU A 161 -13.75 -2.37 -4.08
N SER A 162 -13.21 -2.69 -2.91
CA SER A 162 -11.77 -2.60 -2.66
C SER A 162 -11.38 -3.69 -1.67
N VAL A 163 -10.21 -4.27 -1.85
CA VAL A 163 -9.76 -5.41 -1.06
C VAL A 163 -8.42 -5.08 -0.41
N THR A 164 -8.30 -5.42 0.87
CA THR A 164 -7.02 -5.30 1.56
C THR A 164 -6.03 -6.33 1.03
N GLU A 165 -4.78 -6.16 1.41
CA GLU A 165 -3.76 -7.14 1.11
C GLU A 165 -3.73 -8.22 2.20
N GLN A 166 -3.12 -9.36 1.86
CA GLN A 166 -3.20 -10.54 2.71
C GLN A 166 -2.71 -10.25 4.12
N ASP A 167 -3.52 -10.64 5.11
CA ASP A 167 -3.12 -10.52 6.51
C ASP A 167 -1.82 -11.30 6.74
N SER A 168 -1.01 -10.81 7.67
CA SER A 168 0.32 -11.37 7.90
C SER A 168 0.36 -12.35 9.06
N LYS A 169 -0.77 -12.63 9.71
CA LYS A 169 -0.82 -13.66 10.75
C LYS A 169 -1.74 -14.81 10.37
N ASP A 170 -2.97 -14.52 9.94
CA ASP A 170 -3.89 -15.56 9.51
C ASP A 170 -4.07 -15.63 8.00
N SER A 171 -3.35 -14.79 7.25
CA SER A 171 -3.26 -14.90 5.79
C SER A 171 -4.63 -14.81 5.11
N THR A 172 -5.53 -13.99 5.66
CA THR A 172 -6.86 -13.81 5.10
C THR A 172 -6.96 -12.47 4.38
N TYR A 173 -8.08 -12.27 3.72
CA TYR A 173 -8.39 -11.03 3.02
C TYR A 173 -9.67 -10.44 3.59
N SER A 174 -9.90 -9.15 3.28
CA SER A 174 -11.11 -8.45 3.65
C SER A 174 -11.51 -7.53 2.50
N LEU A 175 -12.82 -7.38 2.27
CA LEU A 175 -13.34 -6.63 1.15
C LEU A 175 -14.35 -5.59 1.63
N SER A 176 -14.47 -4.51 0.87
CA SER A 176 -15.40 -3.44 1.20
C SER A 176 -16.05 -2.96 -0.09
N SER A 177 -17.37 -3.09 -0.17
CA SER A 177 -18.13 -2.67 -1.33
C SER A 177 -18.99 -1.47 -0.96
N THR A 178 -18.98 -0.45 -1.82
CA THR A 178 -19.74 0.77 -1.52
C THR A 178 -20.77 1.00 -2.62
N LEU A 179 -22.06 1.01 -2.27
CA LEU A 179 -23.12 1.36 -3.24
C LEU A 179 -23.36 2.85 -3.10
N THR A 180 -23.15 3.60 -4.16
CA THR A 180 -23.28 5.07 -4.07
C THR A 180 -24.52 5.50 -4.84
N LEU A 181 -25.44 6.19 -4.17
CA LEU A 181 -26.72 6.59 -4.80
C LEU A 181 -26.98 8.05 -4.44
N SER A 182 -27.85 8.71 -5.18
CA SER A 182 -28.23 10.10 -4.87
C SER A 182 -29.11 10.10 -3.64
N LYS A 183 -29.07 11.17 -2.85
CA LYS A 183 -29.99 11.20 -1.72
C LYS A 183 -31.42 10.98 -2.17
N ALA A 184 -31.77 11.46 -3.36
CA ALA A 184 -33.12 11.28 -3.89
C ALA A 184 -33.43 9.80 -4.13
N ASP A 185 -32.59 9.14 -4.94
CA ASP A 185 -32.81 7.72 -5.24
C ASP A 185 -32.63 6.86 -3.99
N TYR A 186 -31.81 7.31 -3.03
CA TYR A 186 -31.70 6.56 -1.79
C TYR A 186 -33.00 6.65 -1.00
N GLU A 187 -33.62 7.84 -0.94
CA GLU A 187 -34.84 7.99 -0.17
C GLU A 187 -36.07 7.48 -0.90
N LYS A 188 -35.99 7.25 -2.22
CA LYS A 188 -37.13 6.72 -2.95
C LYS A 188 -37.34 5.23 -2.69
N HIS A 189 -36.29 4.51 -2.29
CA HIS A 189 -36.37 3.10 -1.91
C HIS A 189 -36.28 2.96 -0.38
N LYS A 190 -36.28 1.71 0.09
CA LYS A 190 -36.29 1.47 1.53
C LYS A 190 -35.36 0.33 1.97
N VAL A 191 -35.54 -0.86 1.41
CA VAL A 191 -34.83 -2.05 1.86
C VAL A 191 -33.49 -2.14 1.14
N TYR A 192 -32.41 -2.27 1.90
CA TYR A 192 -31.07 -2.33 1.32
C TYR A 192 -30.34 -3.56 1.84
N ALA A 193 -29.84 -4.38 0.92
CA ALA A 193 -29.20 -5.64 1.28
C ALA A 193 -27.96 -5.86 0.44
N CYS A 194 -26.98 -6.54 1.03
CA CYS A 194 -25.85 -7.08 0.27
C CYS A 194 -25.81 -8.59 0.50
N GLU A 195 -25.70 -9.33 -0.60
CA GLU A 195 -25.66 -10.79 -0.60
C GLU A 195 -24.27 -11.22 -1.02
N VAL A 196 -23.62 -12.02 -0.18
CA VAL A 196 -22.25 -12.46 -0.36
C VAL A 196 -22.26 -13.93 -0.75
N THR A 197 -21.58 -14.24 -1.85
CA THR A 197 -21.32 -15.60 -2.29
C THR A 197 -19.82 -15.85 -2.18
N HIS A 198 -19.45 -16.87 -1.40
CA HIS A 198 -18.07 -17.21 -1.13
C HIS A 198 -17.98 -18.73 -0.97
N GLN A 199 -16.78 -19.26 -1.18
CA GLN A 199 -16.60 -20.71 -1.17
C GLN A 199 -16.89 -21.30 0.20
N GLY A 200 -16.51 -20.61 1.27
CA GLY A 200 -16.77 -21.08 2.62
C GLY A 200 -18.20 -20.97 3.10
N LEU A 201 -19.09 -20.47 2.26
CA LEU A 201 -20.50 -20.31 2.60
C LEU A 201 -21.30 -21.32 1.80
N SER A 202 -21.98 -22.24 2.51
CA SER A 202 -22.83 -23.22 1.85
C SER A 202 -23.91 -22.52 1.02
N SER A 203 -24.78 -21.77 1.69
CA SER A 203 -25.72 -20.89 1.00
C SER A 203 -25.29 -19.43 1.19
N PRO A 204 -25.43 -18.60 0.17
CA PRO A 204 -24.98 -17.20 0.27
C PRO A 204 -25.63 -16.49 1.45
N VAL A 205 -24.91 -15.51 2.00
CA VAL A 205 -25.34 -14.80 3.19
C VAL A 205 -25.83 -13.42 2.81
N THR A 206 -26.97 -13.00 3.36
CA THR A 206 -27.55 -11.70 3.05
C THR A 206 -27.67 -10.88 4.32
N LYS A 207 -27.08 -9.68 4.31
CA LYS A 207 -27.22 -8.73 5.40
C LYS A 207 -27.92 -7.49 4.89
N SER A 208 -28.89 -6.99 5.66
CA SER A 208 -29.78 -5.96 5.16
C SER A 208 -30.24 -5.04 6.28
N PHE A 209 -30.82 -3.91 5.88
CA PHE A 209 -31.50 -3.01 6.79
C PHE A 209 -32.68 -2.36 6.07
N ASN A 210 -33.61 -1.86 6.86
CA ASN A 210 -34.72 -1.04 6.38
C ASN A 210 -34.42 0.41 6.73
N ARG A 211 -34.49 1.30 5.74
CA ARG A 211 -34.20 2.70 5.95
C ARG A 211 -35.17 3.29 6.98
N GLY A 212 -34.65 3.68 8.14
CA GLY A 212 -35.48 4.22 9.19
C GLY A 212 -36.27 3.15 9.94
N GLU B 1 21.05 5.65 15.46
CA GLU B 1 19.97 5.43 14.49
C GLU B 1 20.24 6.10 13.15
N VAL B 2 20.36 5.29 12.11
CA VAL B 2 20.39 5.81 10.75
C VAL B 2 18.95 6.08 10.33
N GLN B 3 18.66 7.34 9.98
CA GLN B 3 17.32 7.75 9.62
C GLN B 3 17.35 8.58 8.35
N LEU B 4 16.31 8.42 7.53
CA LEU B 4 16.15 9.18 6.29
C LEU B 4 14.70 9.59 6.18
N VAL B 5 14.45 10.90 6.04
CA VAL B 5 13.10 11.43 5.96
C VAL B 5 12.97 12.21 4.65
N GLU B 6 12.02 11.80 3.82
CA GLU B 6 11.72 12.53 2.59
C GLU B 6 10.78 13.69 2.89
N SER B 7 10.70 14.61 1.93
CA SER B 7 9.83 15.79 2.05
C SER B 7 9.73 16.46 0.69
N GLY B 8 8.67 17.23 0.51
CA GLY B 8 8.55 18.13 -0.62
C GLY B 8 7.67 17.66 -1.77
N GLY B 9 6.93 16.56 -1.62
CA GLY B 9 6.08 16.06 -2.67
C GLY B 9 4.66 16.56 -2.55
N GLY B 10 3.79 15.96 -3.36
CA GLY B 10 2.38 16.32 -3.37
C GLY B 10 1.81 16.46 -4.76
N LEU B 11 0.85 17.37 -4.91
CA LEU B 11 0.22 17.62 -6.20
C LEU B 11 1.04 18.64 -6.99
N VAL B 12 1.25 18.36 -8.26
CA VAL B 12 1.92 19.30 -9.16
C VAL B 12 1.30 19.15 -10.54
N GLN B 13 1.10 20.27 -11.22
CA GLN B 13 0.46 20.19 -12.52
C GLN B 13 1.46 19.74 -13.59
N PRO B 14 0.97 19.14 -14.67
CA PRO B 14 1.88 18.69 -15.73
C PRO B 14 2.76 19.83 -16.25
N GLY B 15 4.00 19.48 -16.59
CA GLY B 15 4.98 20.47 -16.99
C GLY B 15 5.57 21.28 -15.86
N GLY B 16 5.23 20.97 -14.60
CA GLY B 16 5.73 21.71 -13.48
C GLY B 16 7.08 21.18 -12.99
N SER B 17 7.57 21.79 -11.92
CA SER B 17 8.83 21.41 -11.30
C SER B 17 8.62 21.24 -9.80
N LEU B 18 9.39 20.32 -9.22
CA LEU B 18 9.25 20.01 -7.80
C LEU B 18 10.59 19.53 -7.26
N ARG B 19 10.99 20.04 -6.10
CA ARG B 19 12.25 19.65 -5.47
C ARG B 19 11.94 18.86 -4.21
N LEU B 20 12.31 17.59 -4.21
CA LEU B 20 12.20 16.74 -3.03
C LEU B 20 13.49 16.79 -2.23
N SER B 21 13.34 16.70 -0.91
CA SER B 21 14.46 16.66 0.01
C SER B 21 14.47 15.35 0.75
N CYS B 22 15.67 14.88 1.07
CA CYS B 22 15.88 13.71 1.91
C CYS B 22 16.87 14.10 3.00
N ALA B 23 16.36 14.32 4.21
CA ALA B 23 17.19 14.65 5.36
C ALA B 23 17.69 13.37 6.01
N ALA B 24 19.01 13.27 6.19
CA ALA B 24 19.65 12.08 6.73
C ALA B 24 20.26 12.37 8.10
N SER B 25 20.22 11.36 8.96
CA SER B 25 20.83 11.46 10.27
C SER B 25 21.38 10.10 10.65
N GLY B 26 22.33 10.10 11.60
CA GLY B 26 23.02 8.90 11.99
C GLY B 26 24.27 8.60 11.19
N PHE B 27 24.52 9.36 10.12
CA PHE B 27 25.69 9.19 9.28
C PHE B 27 25.81 10.42 8.39
N ASN B 28 27.01 10.65 7.86
CA ASN B 28 27.26 11.75 6.95
C ASN B 28 27.03 11.26 5.52
N ILE B 29 26.22 12.02 4.76
CA ILE B 29 25.90 11.63 3.39
C ILE B 29 27.11 11.67 2.46
N SER B 30 28.23 12.23 2.92
CA SER B 30 29.47 12.14 2.15
C SER B 30 30.04 10.73 2.20
N SER B 31 29.69 9.96 3.24
CA SER B 31 30.23 8.62 3.41
C SER B 31 29.77 7.66 2.32
N SER B 32 28.54 7.83 1.85
CA SER B 32 27.90 6.79 1.04
C SER B 32 27.21 7.40 -0.16
N TYR B 33 26.74 6.51 -1.04
CA TYR B 33 25.88 6.89 -2.14
C TYR B 33 24.46 7.13 -1.62
N ILE B 34 23.77 8.10 -2.21
CA ILE B 34 22.39 8.40 -1.88
C ILE B 34 21.56 8.19 -3.14
N HIS B 35 20.49 7.39 -3.03
CA HIS B 35 19.71 6.96 -4.17
C HIS B 35 18.28 7.45 -4.05
N TRP B 36 17.69 7.71 -5.22
CA TRP B 36 16.26 8.00 -5.37
C TRP B 36 15.65 6.90 -6.20
N VAL B 37 14.66 6.21 -5.61
CA VAL B 37 13.94 5.09 -6.23
C VAL B 37 12.46 5.46 -6.27
N ARG B 38 11.83 5.26 -7.42
CA ARG B 38 10.41 5.59 -7.53
C ARG B 38 9.58 4.35 -7.85
N GLN B 39 8.31 4.40 -7.45
CA GLN B 39 7.38 3.29 -7.63
C GLN B 39 6.02 3.86 -8.02
N ALA B 40 5.57 3.52 -9.23
CA ALA B 40 4.24 3.90 -9.66
C ALA B 40 3.19 3.15 -8.84
N PRO B 41 1.96 3.67 -8.78
CA PRO B 41 0.91 2.97 -8.01
C PRO B 41 0.66 1.58 -8.55
N GLY B 42 0.89 0.58 -7.69
CA GLY B 42 0.68 -0.80 -8.08
C GLY B 42 1.63 -1.28 -9.17
N LYS B 43 2.88 -0.82 -9.13
CA LYS B 43 3.88 -1.22 -10.12
C LYS B 43 5.17 -1.52 -9.39
N GLY B 44 6.25 -1.75 -10.16
CA GLY B 44 7.50 -2.18 -9.58
C GLY B 44 8.46 -1.04 -9.28
N LEU B 45 9.56 -1.40 -8.62
CA LEU B 45 10.60 -0.43 -8.30
C LEU B 45 11.33 -0.01 -9.57
N GLU B 46 11.75 1.25 -9.60
CA GLU B 46 12.50 1.80 -10.73
C GLU B 46 13.52 2.78 -10.19
N TRP B 47 14.79 2.54 -10.49
CA TRP B 47 15.85 3.42 -10.01
C TRP B 47 15.82 4.74 -10.77
N VAL B 48 15.89 5.84 -10.02
CA VAL B 48 15.87 7.17 -10.62
C VAL B 48 17.29 7.72 -10.64
N ALA B 49 17.91 7.87 -9.46
CA ALA B 49 19.19 8.58 -9.47
C ALA B 49 20.05 8.17 -8.28
N SER B 50 21.31 8.62 -8.33
CA SER B 50 22.28 8.37 -7.27
C SER B 50 23.30 9.50 -7.26
N ILE B 51 23.83 9.79 -6.07
CA ILE B 51 24.82 10.85 -5.92
C ILE B 51 25.86 10.42 -4.89
N TYR B 52 27.10 10.79 -5.16
CA TYR B 52 28.19 10.80 -4.17
C TYR B 52 28.44 12.27 -3.85
N SER B 53 28.00 12.69 -2.66
CA SER B 53 28.00 14.11 -2.32
C SER B 53 29.41 14.64 -2.09
N SER B 54 30.25 13.85 -1.42
CA SER B 54 31.60 14.32 -1.07
C SER B 54 32.37 14.76 -2.31
N TYR B 55 32.27 14.00 -3.39
CA TYR B 55 32.92 14.36 -4.64
C TYR B 55 31.94 14.91 -5.68
N GLY B 56 30.65 14.93 -5.37
CA GLY B 56 29.67 15.50 -6.26
C GLY B 56 29.35 14.70 -7.49
N TYR B 57 29.67 13.41 -7.50
CA TYR B 57 29.46 12.60 -8.70
C TYR B 57 28.00 12.20 -8.82
N THR B 58 27.42 12.52 -9.98
CA THR B 58 26.00 12.27 -10.25
C THR B 58 25.84 11.03 -11.12
N TYR B 59 24.69 10.37 -10.99
CA TYR B 59 24.35 9.23 -11.81
C TYR B 59 22.84 9.19 -11.98
N TYR B 60 22.37 9.03 -13.22
CA TYR B 60 20.95 9.09 -13.53
C TYR B 60 20.54 7.89 -14.35
N ALA B 61 19.23 7.77 -14.56
CA ALA B 61 18.64 6.81 -15.47
C ALA B 61 18.16 7.54 -16.71
N ASP B 62 18.00 6.78 -17.80
CA ASP B 62 17.67 7.38 -19.09
C ASP B 62 16.29 8.03 -19.09
N SER B 63 15.37 7.51 -18.26
CA SER B 63 14.02 8.05 -18.23
C SER B 63 13.99 9.48 -17.71
N VAL B 64 14.88 9.82 -16.78
CA VAL B 64 14.91 11.14 -16.15
C VAL B 64 16.20 11.89 -16.49
N LYS B 65 16.82 11.54 -17.62
CA LYS B 65 18.12 12.10 -18.02
C LYS B 65 18.15 13.62 -18.02
N GLY B 66 17.38 14.26 -18.89
CA GLY B 66 17.50 15.69 -19.08
C GLY B 66 16.77 16.55 -18.07
N ARG B 67 15.73 16.02 -17.42
CA ARG B 67 14.87 16.82 -16.57
C ARG B 67 15.23 16.75 -15.09
N PHE B 68 15.54 15.56 -14.57
CA PHE B 68 15.77 15.39 -13.15
C PHE B 68 17.23 15.65 -12.82
N THR B 69 17.48 16.41 -11.75
CA THR B 69 18.83 16.67 -11.26
C THR B 69 18.89 16.37 -9.77
N ILE B 70 19.96 15.69 -9.36
CA ILE B 70 20.13 15.27 -7.97
C ILE B 70 21.26 16.09 -7.34
N SER B 71 20.94 16.78 -6.26
CA SER B 71 21.86 17.64 -5.54
C SER B 71 22.09 17.12 -4.13
N ALA B 72 23.06 17.71 -3.44
CA ALA B 72 23.36 17.30 -2.07
C ALA B 72 24.04 18.44 -1.33
N ASP B 73 23.51 18.78 -0.17
CA ASP B 73 24.07 19.80 0.72
C ASP B 73 24.56 19.09 1.97
N THR B 74 25.88 18.94 2.09
CA THR B 74 26.47 18.30 3.26
C THR B 74 26.29 19.15 4.50
N SER B 75 26.28 20.48 4.35
CA SER B 75 26.02 21.36 5.49
C SER B 75 24.72 20.98 6.18
N LYS B 76 23.71 20.59 5.41
CA LYS B 76 22.43 20.15 5.95
C LYS B 76 22.29 18.63 5.95
N ASN B 77 23.29 17.90 5.44
CA ASN B 77 23.23 16.44 5.33
C ASN B 77 21.98 16.00 4.56
N THR B 78 21.61 16.79 3.56
CA THR B 78 20.35 16.61 2.85
C THR B 78 20.61 16.38 1.37
N ALA B 79 19.97 15.37 0.80
CA ALA B 79 19.95 15.20 -0.64
C ALA B 79 18.71 15.86 -1.22
N TYR B 80 18.78 16.21 -2.50
CA TYR B 80 17.65 16.83 -3.18
C TYR B 80 17.49 16.22 -4.55
N LEU B 81 16.25 16.16 -5.00
CA LEU B 81 15.89 15.67 -6.34
C LEU B 81 14.93 16.69 -6.95
N GLN B 82 15.45 17.53 -7.85
CA GLN B 82 14.62 18.51 -8.54
C GLN B 82 14.17 17.93 -9.87
N MET B 83 12.87 18.03 -10.13
CA MET B 83 12.22 17.37 -11.26
C MET B 83 11.52 18.43 -12.09
N ASN B 84 11.88 18.53 -13.36
CA ASN B 84 11.33 19.51 -14.27
C ASN B 84 10.57 18.80 -15.40
N SER B 85 9.72 19.55 -16.08
CA SER B 85 8.90 19.04 -17.18
C SER B 85 8.22 17.73 -16.79
N LEU B 86 7.47 17.80 -15.70
CA LEU B 86 6.88 16.60 -15.12
C LEU B 86 5.72 16.09 -15.96
N ARG B 87 5.78 14.83 -16.34
CA ARG B 87 4.72 14.17 -17.09
C ARG B 87 3.85 13.34 -16.15
N ALA B 88 2.73 12.85 -16.68
CA ALA B 88 1.81 12.06 -15.88
C ALA B 88 2.43 10.73 -15.47
N GLU B 89 3.35 10.20 -16.27
CA GLU B 89 4.01 8.95 -15.92
C GLU B 89 5.03 9.12 -14.80
N ASP B 90 5.31 10.35 -14.37
CA ASP B 90 6.16 10.58 -13.21
C ASP B 90 5.43 10.39 -11.89
N THR B 91 4.11 10.18 -11.93
CA THR B 91 3.33 9.96 -10.72
C THR B 91 3.81 8.72 -10.00
N ALA B 92 4.36 8.90 -8.80
CA ALA B 92 4.95 7.76 -8.10
C ALA B 92 5.27 8.14 -6.66
N VAL B 93 5.50 7.11 -5.85
CA VAL B 93 6.11 7.29 -4.54
C VAL B 93 7.62 7.32 -4.73
N TYR B 94 8.27 8.35 -4.21
CA TYR B 94 9.70 8.53 -4.34
C TYR B 94 10.34 8.30 -2.98
N TYR B 95 11.18 7.26 -2.89
CA TYR B 95 11.98 6.94 -1.71
C TYR B 95 13.40 7.44 -1.91
N CYS B 96 14.02 7.88 -0.82
CA CYS B 96 15.47 8.04 -0.78
C CYS B 96 16.06 6.93 0.08
N ALA B 97 17.28 6.54 -0.25
CA ALA B 97 17.88 5.37 0.36
C ALA B 97 19.39 5.54 0.41
N ARG B 98 20.00 4.86 1.38
CA ARG B 98 21.44 4.81 1.53
C ARG B 98 21.97 3.49 0.96
N TRP B 99 23.07 3.57 0.23
CA TRP B 99 23.73 2.38 -0.30
C TRP B 99 24.85 1.96 0.63
N TRP B 100 24.79 0.71 1.08
CA TRP B 100 25.87 0.13 1.91
C TRP B 100 26.67 -0.78 1.00
N ALA B 101 27.94 -0.98 1.32
CA ALA B 101 28.80 -1.77 0.42
C ALA B 101 29.46 -2.90 1.17
N SER B 102 29.55 -4.05 0.50
CA SER B 102 30.29 -5.15 1.13
C SER B 102 31.69 -4.59 1.36
N VAL B 103 32.28 -4.87 2.51
CA VAL B 103 33.58 -4.21 2.81
C VAL B 103 34.58 -4.56 1.71
N GLY B 104 34.57 -5.80 1.24
CA GLY B 104 35.53 -6.23 0.21
C GLY B 104 35.35 -5.53 -1.12
N GLY B 105 34.11 -5.28 -1.53
CA GLY B 105 33.87 -4.76 -2.90
C GLY B 105 32.98 -5.73 -3.65
N ALA B 106 32.39 -6.70 -2.94
CA ALA B 106 31.49 -7.69 -3.56
C ALA B 106 30.29 -6.98 -4.21
N GLY B 107 29.75 -5.94 -3.57
CA GLY B 107 28.71 -5.14 -4.25
C GLY B 107 27.69 -4.44 -3.38
N GLY B 108 27.16 -5.07 -2.34
CA GLY B 108 26.27 -4.35 -1.41
C GLY B 108 24.85 -4.07 -1.87
N GLY B 109 24.12 -3.24 -1.11
CA GLY B 109 22.71 -2.93 -1.40
C GLY B 109 22.18 -1.73 -0.63
N LEU B 110 20.93 -1.34 -0.86
CA LEU B 110 20.29 -0.21 -0.14
C LEU B 110 19.78 -0.72 1.20
N ASP B 111 20.46 -0.36 2.29
CA ASP B 111 20.18 -0.93 3.61
C ASP B 111 19.10 -0.13 4.35
N TYR B 112 19.15 1.20 4.26
CA TYR B 112 18.21 2.06 4.95
C TYR B 112 17.46 2.91 3.94
N TRP B 113 16.16 3.06 4.16
CA TRP B 113 15.28 3.80 3.26
C TRP B 113 14.52 4.85 4.05
N GLY B 114 13.88 5.75 3.31
CA GLY B 114 12.91 6.66 3.88
C GLY B 114 11.50 6.12 3.78
N GLN B 115 10.56 6.92 4.26
CA GLN B 115 9.15 6.55 4.22
C GLN B 115 8.57 6.66 2.82
N GLY B 116 9.22 7.41 1.93
CA GLY B 116 8.67 7.71 0.63
C GLY B 116 7.79 8.95 0.66
N THR B 117 7.60 9.54 -0.52
CA THR B 117 6.74 10.70 -0.64
C THR B 117 6.01 10.63 -1.97
N LEU B 118 4.69 10.79 -1.95
CA LEU B 118 3.91 10.67 -3.17
C LEU B 118 4.01 11.96 -4.00
N VAL B 119 4.28 11.81 -5.29
CA VAL B 119 4.30 12.90 -6.24
C VAL B 119 3.25 12.58 -7.29
N THR B 120 2.18 13.36 -7.32
CA THR B 120 1.11 13.22 -8.30
C THR B 120 1.22 14.35 -9.31
N VAL B 121 1.19 14.01 -10.59
CA VAL B 121 1.24 14.98 -11.67
C VAL B 121 -0.14 15.01 -12.30
N SER B 122 -0.92 16.04 -11.97
CA SER B 122 -2.28 16.10 -12.50
C SER B 122 -2.79 17.53 -12.47
N SER B 123 -3.52 17.90 -13.52
CA SER B 123 -4.14 19.22 -13.58
C SER B 123 -5.28 19.39 -12.59
N ALA B 124 -5.78 18.31 -11.97
CA ALA B 124 -6.92 18.42 -11.08
C ALA B 124 -6.53 19.20 -9.82
N SER B 125 -7.55 19.56 -9.04
CA SER B 125 -7.37 20.40 -7.88
C SER B 125 -7.39 19.57 -6.60
N THR B 126 -6.71 20.08 -5.58
CA THR B 126 -6.74 19.46 -4.27
C THR B 126 -8.10 19.68 -3.63
N LYS B 127 -8.69 18.62 -3.08
CA LYS B 127 -9.95 18.73 -2.36
C LYS B 127 -9.87 17.90 -1.09
N GLY B 128 -10.31 18.48 0.02
CA GLY B 128 -10.34 17.79 1.28
C GLY B 128 -11.46 16.79 1.35
N PRO B 129 -11.27 15.72 2.11
CA PRO B 129 -12.30 14.69 2.22
C PRO B 129 -13.35 15.06 3.26
N SER B 130 -14.45 14.31 3.21
CA SER B 130 -15.48 14.36 4.23
C SER B 130 -15.53 13.01 4.95
N VAL B 131 -15.52 13.06 6.29
CA VAL B 131 -15.45 11.85 7.11
C VAL B 131 -16.84 11.58 7.67
N PHE B 132 -17.35 10.37 7.41
CA PHE B 132 -18.64 9.98 7.92
C PHE B 132 -18.52 8.69 8.74
N PRO B 133 -19.27 8.58 9.84
CA PRO B 133 -19.22 7.35 10.63
C PRO B 133 -20.05 6.25 9.98
N LEU B 134 -19.49 5.05 9.97
CA LEU B 134 -20.24 3.84 9.61
C LEU B 134 -20.57 3.18 10.93
N ALA B 135 -21.81 3.37 11.38
CA ALA B 135 -22.17 3.09 12.75
C ALA B 135 -22.40 1.60 12.95
N PRO B 136 -22.18 1.11 14.17
CA PRO B 136 -22.45 -0.31 14.45
C PRO B 136 -23.92 -0.60 14.35
N SER B 137 -24.25 -1.87 14.12
CA SER B 137 -25.63 -2.25 13.93
C SER B 137 -26.12 -3.17 15.04
N SER B 138 -27.40 -3.53 14.93
CA SER B 138 -28.00 -4.48 15.84
C SER B 138 -27.46 -5.89 15.64
N LYS B 139 -26.97 -6.20 14.44
CA LYS B 139 -26.54 -7.56 14.14
C LYS B 139 -25.39 -7.98 15.05
N SER B 140 -25.19 -9.30 15.12
CA SER B 140 -24.17 -9.90 15.94
C SER B 140 -23.68 -11.15 15.20
N THR B 141 -23.06 -10.94 14.04
CA THR B 141 -22.50 -12.05 13.27
C THR B 141 -21.25 -11.58 12.50
N GLY B 143 -21.36 -14.70 15.03
CA GLY B 143 -20.20 -14.97 15.86
C GLY B 143 -20.00 -13.99 17.00
N GLY B 144 -21.03 -13.20 17.28
CA GLY B 144 -20.94 -12.19 18.31
C GLY B 144 -20.08 -11.01 17.93
N THR B 145 -20.07 -10.63 16.65
CA THR B 145 -19.16 -9.61 16.16
C THR B 145 -19.94 -8.39 15.68
N ALA B 146 -19.38 -7.21 15.94
CA ALA B 146 -19.94 -5.96 15.48
C ALA B 146 -18.82 -5.14 14.86
N ALA B 147 -19.08 -4.58 13.68
CA ALA B 147 -18.12 -3.74 12.98
C ALA B 147 -18.56 -2.29 13.04
N LEU B 148 -17.61 -1.39 13.23
CA LEU B 148 -17.85 0.04 13.07
C LEU B 148 -16.75 0.57 12.16
N GLY B 149 -16.85 1.82 11.73
CA GLY B 149 -15.78 2.32 10.91
C GLY B 149 -15.98 3.75 10.48
N CYS B 150 -15.15 4.17 9.52
CA CYS B 150 -15.19 5.52 9.00
C CYS B 150 -15.09 5.46 7.48
N LEU B 151 -15.76 6.42 6.83
CA LEU B 151 -15.74 6.56 5.36
C LEU B 151 -15.20 7.94 5.03
N VAL B 152 -14.01 7.99 4.43
CA VAL B 152 -13.38 9.27 4.02
C VAL B 152 -13.77 9.39 2.55
N LYS B 153 -14.49 10.45 2.18
CA LYS B 153 -15.03 10.48 0.80
C LYS B 153 -14.70 11.74 0.02
N ASP B 154 -14.71 11.62 -1.31
CA ASP B 154 -14.52 12.78 -2.20
C ASP B 154 -13.27 13.59 -1.86
N TYR B 155 -12.09 13.01 -2.06
CA TYR B 155 -10.84 13.76 -1.81
C TYR B 155 -9.84 13.65 -2.96
N PHE B 156 -9.02 14.69 -3.13
CA PHE B 156 -7.92 14.66 -4.13
C PHE B 156 -6.71 15.40 -3.55
N PRO B 157 -5.43 15.01 -3.81
CA PRO B 157 -5.12 13.68 -4.33
C PRO B 157 -4.85 12.69 -3.21
N GLU B 158 -4.22 11.58 -3.53
CA GLU B 158 -3.71 10.69 -2.50
C GLU B 158 -2.52 11.34 -1.81
N PRO B 159 -2.20 10.93 -0.57
CA PRO B 159 -2.91 9.95 0.24
C PRO B 159 -3.61 10.53 1.46
N VAL B 160 -4.46 9.72 2.08
CA VAL B 160 -4.98 9.99 3.41
C VAL B 160 -4.50 8.86 4.32
N THR B 161 -4.31 9.16 5.59
CA THR B 161 -3.93 8.19 6.58
C THR B 161 -4.99 8.12 7.66
N VAL B 162 -5.40 6.91 8.02
CA VAL B 162 -6.42 6.69 9.03
C VAL B 162 -5.84 5.82 10.14
N SER B 163 -6.10 6.21 11.38
CA SER B 163 -5.76 5.38 12.53
C SER B 163 -6.93 5.40 13.51
N TRP B 164 -6.91 4.48 14.47
CA TRP B 164 -8.03 4.33 15.39
C TRP B 164 -7.54 4.56 16.82
N ASN B 165 -8.11 5.56 17.49
CA ASN B 165 -7.69 5.98 18.82
C ASN B 165 -6.21 6.32 18.84
N SER B 166 -5.76 7.04 17.81
CA SER B 166 -4.37 7.51 17.70
C SER B 166 -3.38 6.35 17.74
N GLY B 167 -3.70 5.27 17.04
CA GLY B 167 -2.83 4.12 16.97
C GLY B 167 -2.91 3.17 18.14
N ALA B 168 -3.56 3.55 19.24
CA ALA B 168 -3.71 2.63 20.37
C ALA B 168 -4.55 1.42 19.98
N LEU B 169 -5.64 1.63 19.27
CA LEU B 169 -6.45 0.54 18.74
C LEU B 169 -5.85 0.06 17.43
N THR B 170 -5.52 -1.22 17.35
CA THR B 170 -4.86 -1.75 16.17
C THR B 170 -5.42 -3.11 15.76
N SER B 171 -5.80 -3.94 16.74
CA SER B 171 -6.30 -5.26 16.44
C SER B 171 -7.69 -5.19 15.83
N GLY B 172 -7.92 -5.99 14.79
CA GLY B 172 -9.18 -6.01 14.09
C GLY B 172 -9.39 -4.90 13.08
N VAL B 173 -8.40 -4.02 12.92
CA VAL B 173 -8.53 -2.89 12.00
C VAL B 173 -8.28 -3.36 10.58
N HIS B 174 -9.12 -2.88 9.65
CA HIS B 174 -8.93 -3.13 8.23
C HIS B 174 -9.16 -1.81 7.50
N THR B 175 -8.09 -1.21 6.98
CA THR B 175 -8.18 0.01 6.21
C THR B 175 -8.00 -0.34 4.74
N PHE B 176 -8.94 0.10 3.92
CA PHE B 176 -8.95 -0.39 2.54
C PHE B 176 -8.28 0.61 1.61
N PRO B 177 -7.68 0.11 0.52
CA PRO B 177 -7.10 1.02 -0.48
C PRO B 177 -8.16 1.91 -1.10
N ALA B 178 -7.80 3.17 -1.30
CA ALA B 178 -8.70 4.10 -1.96
C ALA B 178 -8.96 3.66 -3.39
N VAL B 179 -10.14 3.98 -3.89
CA VAL B 179 -10.56 3.64 -5.24
C VAL B 179 -11.01 4.91 -5.95
N LEU B 180 -10.54 5.10 -7.18
CA LEU B 180 -10.89 6.29 -7.96
C LEU B 180 -12.37 6.25 -8.32
N GLN B 181 -13.12 7.24 -7.84
CA GLN B 181 -14.55 7.28 -8.08
C GLN B 181 -14.86 7.75 -9.50
N SER B 182 -16.14 7.65 -9.86
CA SER B 182 -16.60 8.29 -11.10
C SER B 182 -16.41 9.80 -11.05
N SER B 183 -16.33 10.36 -9.84
CA SER B 183 -16.13 11.80 -9.67
C SER B 183 -14.74 12.25 -10.09
N GLY B 184 -13.80 11.34 -10.28
CA GLY B 184 -12.40 11.70 -10.38
C GLY B 184 -11.73 11.91 -9.05
N LEU B 185 -12.48 11.83 -7.96
CA LEU B 185 -11.96 11.95 -6.60
C LEU B 185 -11.79 10.57 -5.99
N TYR B 186 -10.96 10.49 -4.95
CA TYR B 186 -10.74 9.26 -4.23
C TYR B 186 -11.67 9.16 -3.03
N SER B 187 -11.89 7.93 -2.57
CA SER B 187 -12.68 7.68 -1.38
C SER B 187 -12.37 6.27 -0.89
N LEU B 188 -12.23 6.11 0.42
CA LEU B 188 -11.93 4.81 1.00
C LEU B 188 -12.70 4.65 2.31
N SER B 189 -12.57 3.46 2.89
CA SER B 189 -13.17 3.14 4.17
C SER B 189 -12.11 2.52 5.06
N SER B 190 -12.34 2.60 6.37
CA SER B 190 -11.49 1.95 7.35
C SER B 190 -12.38 1.46 8.48
N VAL B 191 -12.46 0.15 8.65
CA VAL B 191 -13.37 -0.45 9.60
C VAL B 191 -12.58 -1.13 10.71
N VAL B 192 -13.29 -1.46 11.79
CA VAL B 192 -12.72 -2.16 12.94
C VAL B 192 -13.80 -3.07 13.51
N THR B 193 -13.42 -4.32 13.76
CA THR B 193 -14.30 -5.33 14.33
C THR B 193 -14.07 -5.42 15.83
N VAL B 194 -15.15 -5.62 16.57
CA VAL B 194 -15.10 -5.70 18.03
C VAL B 194 -16.17 -6.70 18.50
N PRO B 195 -16.10 -7.16 19.74
CA PRO B 195 -17.23 -7.90 20.29
C PRO B 195 -18.40 -6.97 20.57
N SER B 196 -19.62 -7.53 20.46
CA SER B 196 -20.82 -6.71 20.61
C SER B 196 -20.96 -6.17 22.02
N SER B 197 -20.55 -6.95 23.02
CA SER B 197 -20.67 -6.50 24.41
C SER B 197 -19.77 -5.32 24.70
N SER B 198 -18.66 -5.18 23.97
CA SER B 198 -17.70 -4.12 24.21
C SER B 198 -18.20 -2.75 23.78
N LEU B 199 -19.34 -2.67 23.09
CA LEU B 199 -19.77 -1.40 22.50
C LEU B 199 -20.06 -0.36 23.56
N GLY B 200 -20.70 -0.76 24.66
CA GLY B 200 -20.99 0.19 25.72
C GLY B 200 -19.82 0.55 26.60
N THR B 201 -18.67 -0.11 26.45
CA THR B 201 -17.55 0.11 27.35
C THR B 201 -16.57 1.14 26.79
N GLN B 202 -15.78 0.77 25.78
CA GLN B 202 -14.73 1.65 25.30
C GLN B 202 -15.17 2.43 24.06
N THR B 203 -14.65 3.64 23.95
CA THR B 203 -14.98 4.56 22.87
C THR B 203 -14.09 4.33 21.66
N TYR B 204 -14.58 4.73 20.49
CA TYR B 204 -13.87 4.51 19.23
C TYR B 204 -13.83 5.82 18.46
N ILE B 205 -12.62 6.28 18.15
CA ILE B 205 -12.38 7.50 17.38
C ILE B 205 -11.45 7.16 16.22
N CYS B 206 -11.83 7.60 15.02
CA CYS B 206 -10.96 7.45 13.86
C CYS B 206 -10.34 8.80 13.55
N ASN B 207 -9.03 8.79 13.31
CA ASN B 207 -8.24 9.97 12.99
C ASN B 207 -7.91 9.90 11.51
N VAL B 208 -8.48 10.83 10.75
CA VAL B 208 -8.28 10.97 9.32
C VAL B 208 -7.35 12.15 9.08
N ASN B 209 -6.31 11.93 8.27
CA ASN B 209 -5.32 12.94 7.95
C ASN B 209 -5.17 13.02 6.44
N HIS B 210 -5.29 14.23 5.88
CA HIS B 210 -5.12 14.49 4.46
C HIS B 210 -4.28 15.77 4.34
N LYS B 211 -2.96 15.59 4.21
CA LYS B 211 -1.96 16.66 4.21
C LYS B 211 -2.07 17.58 2.99
N PRO B 212 -2.29 17.06 1.77
CA PRO B 212 -2.49 17.97 0.63
C PRO B 212 -3.60 18.99 0.86
N SER B 213 -4.61 18.65 1.65
CA SER B 213 -5.68 19.57 1.98
C SER B 213 -5.55 20.19 3.36
N ASN B 214 -4.56 19.76 4.15
CA ASN B 214 -4.45 20.13 5.56
C ASN B 214 -5.77 19.89 6.28
N THR B 215 -6.13 18.60 6.33
CA THR B 215 -7.37 18.15 6.94
C THR B 215 -7.03 17.13 8.02
N LYS B 216 -7.38 17.45 9.26
CA LYS B 216 -7.19 16.54 10.39
C LYS B 216 -8.51 16.47 11.14
N VAL B 217 -9.15 15.30 11.11
CA VAL B 217 -10.45 15.11 11.75
C VAL B 217 -10.36 13.90 12.69
N ASP B 218 -10.97 14.03 13.87
CA ASP B 218 -11.04 12.94 14.84
C ASP B 218 -12.51 12.68 15.12
N LYS B 219 -13.08 11.71 14.42
CA LYS B 219 -14.52 11.45 14.45
C LYS B 219 -14.82 10.31 15.40
N LYS B 220 -15.79 10.54 16.29
CA LYS B 220 -16.22 9.55 17.27
C LYS B 220 -17.36 8.72 16.69
N VAL B 221 -17.19 7.39 16.67
CA VAL B 221 -18.22 6.49 16.16
C VAL B 221 -18.92 5.85 17.33
N GLU B 222 -20.24 5.69 17.21
CA GLU B 222 -21.09 5.30 18.33
C GLU B 222 -22.28 4.51 17.78
N PRO B 223 -22.94 3.72 18.62
CA PRO B 223 -24.13 2.99 18.16
C PRO B 223 -25.28 3.93 17.85
N LYS B 224 -26.29 3.38 17.18
CA LYS B 224 -27.51 4.09 16.81
C LYS B 224 -27.23 5.31 15.92
#